data_3UB5
#
_entry.id   3UB5
#
_cell.length_a   38.000
_cell.length_b   72.000
_cell.length_c   186.800
_cell.angle_alpha   90.00
_cell.angle_beta   90.00
_cell.angle_gamma   90.00
#
_symmetry.space_group_name_H-M   'P 21 21 21'
#
loop_
_entity.id
_entity.type
_entity.pdbx_description
1 polymer 'Actin, cytoplasmic 1'
2 polymer Profilin-1
3 non-polymer "ADENOSINE-5'-TRIPHOSPHATE"
4 non-polymer 'CALCIUM ION'
5 non-polymer GLYCEROL
6 non-polymer 'CHLORIDE ION'
7 water water
#
loop_
_entity_poly.entity_id
_entity_poly.type
_entity_poly.pdbx_seq_one_letter_code
_entity_poly.pdbx_strand_id
1 'polypeptide(L)'
;DDDIAALVVDNGSGMCKAGFAGDDAPRAVFPSIVGRPRHQGVMVGMGQKDSYVGDEAQSKRGILTLKYPIEHGIVTNWDD
MEKIWHHTFYNELRVAPEEHPVLLTEAPLNPKANREKMTQIMFETFNTPAMYVAIQAVLSLYASGRTTGIVMDSGDGVTH
TVPIYEGYALPHAILRLDLAGRDLTDYLMKILTERGYSFTTTAEREIVRDIKEKLCYVALDFEQEMATAASSSSLEKSYE
LPDGQVITIGNERFRCPEALFQPSFLGMESCGIHETTFNSIMKCDVDIRKDLYANTVLSGGTTMYPGIADRMQKEITALA
PSTMKIKIIAPPERKYSVWIGGSILASLSTFQQMWISKQEYDESGPSIVHRKCF
;
A
2 'polypeptide(L)'
;(ACE)AGWNAYIDNLMADGTCQDAAIVGYKDSPSVWAAVPGKTFVNITPAEVGILVGKDRSSFFVNGLTLGGQKCSVIRD
SLLQDGEFTMDLRTKSTGGAPTFNITVTMTAKTLVLLMGKEGVHGGMINKKCYEMASHLRRSQY
;
P
#
loop_
_chem_comp.id
_chem_comp.type
_chem_comp.name
_chem_comp.formula
ACE non-polymer 'ACETYL GROUP' 'C2 H4 O'
ATP non-polymer ADENOSINE-5'-TRIPHOSPHATE 'C10 H16 N5 O13 P3'
CA non-polymer 'CALCIUM ION' 'Ca 2'
CL non-polymer 'CHLORIDE ION' 'Cl -1'
GOL non-polymer GLYCEROL 'C3 H8 O3'
#
# COMPACT_ATOMS: atom_id res chain seq x y z
N ALA A 5 -7.87 -1.43 23.13
CA ALA A 5 -7.39 -2.69 22.46
C ALA A 5 -7.66 -2.66 20.92
N ALA A 6 -6.64 -2.43 20.10
CA ALA A 6 -6.86 -2.11 18.66
C ALA A 6 -7.06 -3.32 17.77
N LEU A 7 -7.85 -3.12 16.72
CA LEU A 7 -8.12 -4.16 15.77
C LEU A 7 -7.36 -3.93 14.47
N VAL A 8 -6.97 -5.02 13.84
CA VAL A 8 -6.27 -4.95 12.56
C VAL A 8 -7.14 -5.71 11.60
N VAL A 9 -7.40 -5.11 10.44
CA VAL A 9 -8.34 -5.69 9.47
C VAL A 9 -7.74 -5.43 8.12
N ASP A 10 -7.24 -6.49 7.53
CA ASP A 10 -6.57 -6.46 6.25
C ASP A 10 -7.55 -7.05 5.27
N ASN A 11 -7.92 -6.28 4.25
CA ASN A 11 -8.91 -6.74 3.29
C ASN A 11 -8.32 -7.08 1.93
N GLY A 12 -8.00 -8.34 1.69
CA GLY A 12 -7.63 -8.74 0.35
C GLY A 12 -8.84 -8.85 -0.57
N SER A 13 -8.58 -9.00 -1.87
CA SER A 13 -9.64 -9.32 -2.84
C SER A 13 -10.36 -10.67 -2.60
N GLY A 14 -9.61 -11.65 -2.11
CA GLY A 14 -10.10 -13.00 -1.88
C GLY A 14 -10.29 -13.31 -0.42
N MET A 15 -9.28 -13.02 0.42
CA MET A 15 -9.44 -13.29 1.91
C MET A 15 -9.33 -12.06 2.83
N CYS A 16 -10.35 -11.90 3.67
CA CYS A 16 -10.30 -10.95 4.78
C CYS A 16 -9.56 -11.60 5.98
N LYS A 17 -8.55 -10.89 6.53
CA LYS A 17 -7.73 -11.32 7.69
C LYS A 17 -7.92 -10.30 8.81
N ALA A 18 -8.51 -10.72 9.93
CA ALA A 18 -8.82 -9.83 11.04
C ALA A 18 -8.21 -10.37 12.31
N GLY A 19 -7.78 -9.47 13.19
CA GLY A 19 -7.16 -9.89 14.42
C GLY A 19 -7.07 -8.79 15.42
N PHE A 20 -6.35 -9.06 16.49
CA PHE A 20 -6.10 -8.10 17.52
C PHE A 20 -4.63 -7.73 17.38
N ALA A 21 -4.32 -6.45 17.62
CA ALA A 21 -3.00 -5.88 17.40
C ALA A 21 -2.03 -6.35 18.48
N GLY A 22 -0.81 -6.68 18.07
CA GLY A 22 0.11 -7.33 19.00
C GLY A 22 0.08 -8.85 18.92
N ASP A 23 -0.98 -9.43 18.36
CA ASP A 23 -1.04 -10.88 18.14
C ASP A 23 -0.14 -11.21 16.97
N ASP A 24 0.40 -12.42 16.97
CA ASP A 24 1.42 -12.82 16.02
C ASP A 24 0.82 -13.08 14.67
N ALA A 25 -0.48 -13.35 14.65
CA ALA A 25 -1.19 -13.80 13.45
C ALA A 25 -2.69 -13.47 13.53
N PRO A 26 -3.35 -13.28 12.38
CA PRO A 26 -4.77 -12.92 12.45
C PRO A 26 -5.56 -13.95 13.21
N ARG A 27 -6.46 -13.53 14.09
CA ARG A 27 -7.31 -14.51 14.76
C ARG A 27 -8.62 -14.73 13.99
N ALA A 28 -8.52 -15.01 12.67
CA ALA A 28 -9.64 -15.17 11.70
C ALA A 28 -9.20 -14.87 10.27
N VAL A 29 -9.25 -15.88 9.41
CA VAL A 29 -9.01 -15.65 7.99
C VAL A 29 -10.13 -16.31 7.21
N PHE A 30 -10.88 -15.55 6.44
CA PHE A 30 -12.05 -16.10 5.78
C PHE A 30 -12.35 -15.47 4.41
N PRO A 31 -12.97 -16.24 3.50
CA PRO A 31 -13.13 -15.70 2.15
C PRO A 31 -13.97 -14.43 2.19
N SER A 32 -13.65 -13.51 1.29
CA SER A 32 -14.25 -12.16 1.26
C SER A 32 -15.48 -12.15 0.36
N ILE A 33 -16.51 -12.90 0.75
CA ILE A 33 -17.73 -13.05 -0.07
C ILE A 33 -19.03 -12.76 0.66
N VAL A 34 -19.94 -12.08 -0.03
CA VAL A 34 -21.31 -11.92 0.45
C VAL A 34 -22.23 -12.77 -0.44
N GLY A 35 -23.10 -13.56 0.21
CA GLY A 35 -24.21 -14.26 -0.46
C GLY A 35 -25.56 -13.66 -0.10
N ARG A 36 -26.36 -13.41 -1.12
CA ARG A 36 -27.75 -13.02 -0.94
C ARG A 36 -28.62 -14.26 -1.30
N PRO A 37 -29.95 -14.26 -0.97
CA PRO A 37 -30.78 -15.46 -1.19
C PRO A 37 -31.22 -15.63 -2.67
N ARG A 38 -31.06 -16.82 -3.23
CA ARG A 38 -31.04 -17.04 -4.69
C ARG A 38 -32.32 -17.68 -5.23
N HIS A 39 -33.29 -16.83 -5.59
CA HIS A 39 -34.61 -17.25 -6.12
C HIS A 39 -35.51 -17.83 -5.07
N GLN A 40 -34.96 -18.69 -4.21
CA GLN A 40 -35.70 -19.49 -3.22
C GLN A 40 -36.56 -18.67 -2.25
N GLY A 41 -37.80 -19.13 -2.03
CA GLY A 41 -38.84 -18.38 -1.31
C GLY A 41 -38.67 -18.34 0.20
N VAL A 42 -38.10 -17.22 0.67
CA VAL A 42 -37.95 -16.85 2.10
C VAL A 42 -37.52 -17.98 3.08
N MET A 43 -38.48 -18.77 3.57
CA MET A 43 -38.24 -19.74 4.65
C MET A 43 -37.69 -21.11 4.22
N VAL A 44 -38.49 -21.88 3.48
CA VAL A 44 -38.08 -23.19 2.93
C VAL A 44 -37.16 -22.98 1.71
N GLY A 45 -36.11 -23.79 1.68
CA GLY A 45 -34.83 -23.45 1.07
C GLY A 45 -33.92 -23.57 2.28
N MET A 46 -33.66 -22.44 2.95
CA MET A 46 -33.13 -22.33 4.34
C MET A 46 -32.86 -20.89 4.76
N GLY A 47 -32.21 -20.16 3.86
CA GLY A 47 -31.90 -18.75 4.03
C GLY A 47 -33.12 -17.84 4.10
N GLN A 48 -33.57 -17.59 5.33
CA GLN A 48 -34.61 -16.61 5.58
C GLN A 48 -34.03 -15.19 5.50
N LYS A 49 -32.77 -15.06 5.95
CA LYS A 49 -31.98 -13.82 5.85
C LYS A 49 -31.88 -13.33 4.40
N ASP A 50 -31.61 -12.03 4.20
CA ASP A 50 -31.28 -11.54 2.85
C ASP A 50 -29.76 -11.29 2.64
N SER A 51 -28.97 -11.76 3.60
CA SER A 51 -27.55 -11.48 3.66
C SER A 51 -26.84 -12.64 4.35
N TYR A 52 -25.72 -13.07 3.79
CA TYR A 52 -24.88 -14.15 4.35
C TYR A 52 -23.41 -13.94 3.95
N VAL A 53 -22.46 -14.08 4.90
CA VAL A 53 -21.02 -13.75 4.64
C VAL A 53 -19.94 -14.82 4.95
N GLY A 54 -18.96 -14.96 4.03
CA GLY A 54 -17.68 -15.66 4.33
C GLY A 54 -17.68 -17.17 4.19
N ASP A 55 -17.42 -17.86 5.29
CA ASP A 55 -17.49 -19.32 5.29
C ASP A 55 -18.92 -19.98 5.26
N GLU A 56 -19.86 -19.40 6.02
CA GLU A 56 -21.25 -19.84 6.03
C GLU A 56 -21.91 -19.57 4.68
N ALA A 57 -21.47 -18.51 4.00
CA ALA A 57 -21.85 -18.24 2.61
C ALA A 57 -21.22 -19.24 1.67
N GLN A 58 -20.01 -19.71 2.00
CA GLN A 58 -19.35 -20.74 1.19
C GLN A 58 -20.09 -22.09 1.27
N SER A 59 -20.16 -22.64 2.49
CA SER A 59 -20.98 -23.81 2.81
C SER A 59 -22.42 -23.77 2.24
N LYS A 60 -23.06 -22.60 2.20
CA LYS A 60 -24.38 -22.45 1.59
C LYS A 60 -24.40 -21.98 0.11
N ARG A 61 -23.26 -22.09 -0.59
CA ARG A 61 -23.16 -21.72 -2.03
C ARG A 61 -24.43 -21.86 -2.92
N GLY A 62 -25.12 -23.01 -2.82
CA GLY A 62 -26.38 -23.22 -3.56
C GLY A 62 -27.49 -22.55 -2.77
N ILE A 63 -28.48 -22.01 -3.48
CA ILE A 63 -29.54 -21.12 -2.88
C ILE A 63 -29.04 -19.71 -2.50
N LEU A 64 -27.76 -19.46 -2.78
CA LEU A 64 -27.13 -18.14 -2.62
C LEU A 64 -26.49 -17.62 -3.90
N THR A 65 -26.62 -16.31 -4.09
CA THR A 65 -25.87 -15.60 -5.11
C THR A 65 -24.62 -15.01 -4.45
N LEU A 66 -23.46 -15.56 -4.79
CA LEU A 66 -22.17 -15.20 -4.19
C LEU A 66 -21.47 -14.08 -4.95
N LYS A 67 -21.11 -13.03 -4.20
CA LYS A 67 -20.35 -11.86 -4.69
C LYS A 67 -19.02 -11.65 -3.92
N TYR A 68 -18.00 -11.13 -4.62
CA TYR A 68 -16.76 -10.58 -3.98
C TYR A 68 -16.80 -9.05 -4.04
N PRO A 69 -16.92 -8.35 -2.88
CA PRO A 69 -17.03 -6.90 -3.09
C PRO A 69 -15.70 -6.20 -3.38
N ILE A 70 -14.58 -6.93 -3.40
CA ILE A 70 -13.26 -6.32 -3.66
C ILE A 70 -12.62 -6.88 -4.92
N GLU A 71 -12.04 -6.00 -5.73
CA GLU A 71 -11.54 -6.37 -7.05
C GLU A 71 -10.24 -5.67 -7.41
N HIS A 72 -9.16 -6.43 -7.48
CA HIS A 72 -7.79 -5.89 -7.69
C HIS A 72 -7.37 -5.04 -6.52
N GLY A 73 -7.91 -5.33 -5.34
CA GLY A 73 -7.67 -4.55 -4.14
C GLY A 73 -8.63 -3.41 -3.83
N ILE A 74 -9.32 -2.89 -4.85
CA ILE A 74 -10.23 -1.75 -4.74
C ILE A 74 -11.67 -2.17 -4.46
N VAL A 75 -12.32 -1.54 -3.47
CA VAL A 75 -13.72 -1.88 -3.18
C VAL A 75 -14.66 -1.49 -4.34
N THR A 76 -15.57 -2.41 -4.66
CA THR A 76 -16.37 -2.46 -5.88
C THR A 76 -17.86 -2.28 -5.54
N ASN A 77 -18.25 -2.73 -4.34
CA ASN A 77 -19.62 -2.54 -3.87
C ASN A 77 -19.73 -2.29 -2.37
N TRP A 78 -20.15 -1.08 -2.03
CA TRP A 78 -20.09 -0.59 -0.66
C TRP A 78 -21.12 -1.19 0.24
N ASP A 79 -22.24 -1.63 -0.33
CA ASP A 79 -23.25 -2.43 0.36
C ASP A 79 -22.72 -3.77 0.88
N ASP A 80 -22.03 -4.54 0.03
CA ASP A 80 -21.42 -5.80 0.44
C ASP A 80 -20.34 -5.57 1.50
N MET A 81 -19.33 -4.75 1.18
CA MET A 81 -18.25 -4.44 2.10
C MET A 81 -18.80 -4.25 3.48
N GLU A 82 -19.82 -3.41 3.56
CA GLU A 82 -20.40 -3.09 4.86
C GLU A 82 -20.76 -4.36 5.67
N LYS A 83 -21.25 -5.39 4.98
CA LYS A 83 -21.60 -6.66 5.62
C LYS A 83 -20.38 -7.49 5.96
N ILE A 84 -19.32 -7.41 5.16
CA ILE A 84 -18.05 -8.05 5.54
C ILE A 84 -17.54 -7.49 6.87
N TRP A 85 -17.44 -6.18 6.93
CA TRP A 85 -17.06 -5.57 8.17
C TRP A 85 -18.05 -5.90 9.25
N HIS A 86 -19.37 -5.88 8.95
CA HIS A 86 -20.36 -6.20 10.00
C HIS A 86 -20.15 -7.55 10.57
N HIS A 87 -19.94 -8.51 9.66
CA HIS A 87 -19.65 -9.90 10.01
C HIS A 87 -18.29 -10.06 10.65
N THR A 88 -17.30 -9.25 10.24
CA THR A 88 -15.97 -9.33 10.86
C THR A 88 -16.01 -9.02 12.35
N PHE A 89 -16.68 -7.92 12.71
CA PHE A 89 -16.71 -7.56 14.11
C PHE A 89 -17.54 -8.51 14.95
N TYR A 90 -18.69 -8.91 14.42
CA TYR A 90 -19.72 -9.57 15.21
C TYR A 90 -19.65 -11.10 15.27
N ASN A 91 -19.57 -11.74 14.11
CA ASN A 91 -19.54 -13.19 14.03
C ASN A 91 -18.12 -13.79 14.09
N GLU A 92 -17.13 -13.06 13.59
CA GLU A 92 -15.78 -13.61 13.48
C GLU A 92 -14.88 -13.30 14.66
N LEU A 93 -14.83 -12.05 15.10
CA LEU A 93 -14.02 -11.73 16.29
C LEU A 93 -14.83 -11.69 17.56
N ARG A 94 -16.16 -11.70 17.40
CA ARG A 94 -17.14 -11.54 18.49
C ARG A 94 -16.85 -10.29 19.34
N VAL A 95 -16.80 -9.12 18.69
CA VAL A 95 -16.46 -7.84 19.37
C VAL A 95 -17.50 -6.76 19.10
N ALA A 96 -17.56 -5.75 19.97
CA ALA A 96 -18.39 -4.57 19.73
C ALA A 96 -17.50 -3.45 19.17
N PRO A 97 -17.65 -3.16 17.87
CA PRO A 97 -16.68 -2.28 17.20
C PRO A 97 -16.63 -0.85 17.76
N GLU A 98 -17.76 -0.42 18.33
CA GLU A 98 -17.82 0.88 19.03
C GLU A 98 -16.83 0.95 20.20
N GLU A 99 -16.24 -0.19 20.57
CA GLU A 99 -15.29 -0.29 21.71
C GLU A 99 -13.79 -0.36 21.34
N HIS A 100 -13.49 -0.60 20.06
CA HIS A 100 -12.11 -0.76 19.59
C HIS A 100 -11.69 0.26 18.54
N PRO A 101 -10.43 0.77 18.62
CA PRO A 101 -9.75 1.47 17.51
C PRO A 101 -9.45 0.48 16.39
N VAL A 102 -9.55 0.89 15.13
CA VAL A 102 -9.20 -0.06 14.08
C VAL A 102 -8.26 0.48 13.01
N LEU A 103 -7.30 -0.37 12.65
CA LEU A 103 -6.48 -0.11 11.52
C LEU A 103 -7.09 -0.90 10.37
N LEU A 104 -7.51 -0.17 9.33
CA LEU A 104 -7.74 -0.71 7.98
C LEU A 104 -6.52 -0.67 7.03
N THR A 105 -6.48 -1.58 6.04
CA THR A 105 -5.45 -1.49 4.98
C THR A 105 -6.11 -1.06 3.68
N GLU A 106 -5.33 -0.58 2.72
CA GLU A 106 -5.88 -0.21 1.41
C GLU A 106 -4.78 -0.46 0.41
N ALA A 107 -5.18 -0.53 -0.86
CA ALA A 107 -4.29 -0.86 -1.95
C ALA A 107 -3.48 0.38 -2.20
N PRO A 108 -2.31 0.22 -2.83
CA PRO A 108 -1.64 1.48 -3.22
C PRO A 108 -2.54 2.22 -4.18
N LEU A 109 -2.54 3.55 -4.16
CA LEU A 109 -3.34 4.30 -5.16
C LEU A 109 -4.88 4.14 -5.01
N ASN A 110 -5.33 3.72 -3.82
CA ASN A 110 -6.75 3.63 -3.54
C ASN A 110 -7.39 5.00 -3.82
N PRO A 111 -8.42 5.06 -4.71
CA PRO A 111 -8.95 6.38 -5.08
C PRO A 111 -9.62 7.17 -3.92
N LYS A 112 -9.56 8.51 -4.04
CA LYS A 112 -10.09 9.46 -3.07
C LYS A 112 -11.46 9.09 -2.52
N ALA A 113 -12.46 8.96 -3.38
CA ALA A 113 -13.82 8.60 -2.95
C ALA A 113 -13.86 7.32 -2.09
N ASN A 114 -13.11 6.31 -2.51
CA ASN A 114 -13.05 5.07 -1.70
C ASN A 114 -12.50 5.26 -0.28
N ARG A 115 -11.39 6.02 -0.17
CA ARG A 115 -10.79 6.35 1.13
C ARG A 115 -11.83 7.03 2.04
N GLU A 116 -12.56 7.97 1.47
CA GLU A 116 -13.60 8.68 2.20
C GLU A 116 -14.78 7.84 2.69
N LYS A 117 -15.11 6.81 1.91
CA LYS A 117 -16.31 5.98 2.12
C LYS A 117 -15.96 4.99 3.24
N MET A 118 -14.77 4.39 3.13
CA MET A 118 -14.19 3.57 4.17
C MET A 118 -14.26 4.28 5.51
N THR A 119 -13.99 5.58 5.49
CA THR A 119 -13.97 6.41 6.70
C THR A 119 -15.39 6.65 7.23
N GLN A 120 -16.29 6.98 6.34
CA GLN A 120 -17.66 7.18 6.74
C GLN A 120 -18.33 5.94 7.38
N ILE A 121 -18.24 4.79 6.72
CA ILE A 121 -18.78 3.54 7.25
C ILE A 121 -18.25 3.19 8.65
N MET A 122 -16.96 3.33 8.85
CA MET A 122 -16.41 2.98 10.12
C MET A 122 -17.04 3.83 11.24
N PHE A 123 -17.26 5.11 10.96
CA PHE A 123 -17.70 6.02 12.00
C PHE A 123 -19.22 6.14 12.18
N GLU A 124 -19.96 6.38 11.10
CA GLU A 124 -21.42 6.52 11.18
C GLU A 124 -22.13 5.18 11.39
N THR A 125 -21.57 4.11 10.86
CA THR A 125 -22.20 2.82 10.93
C THR A 125 -21.68 1.97 12.11
N PHE A 126 -20.37 1.79 12.23
CA PHE A 126 -19.87 0.92 13.28
C PHE A 126 -19.50 1.71 14.49
N ASN A 127 -19.62 3.02 14.36
CA ASN A 127 -19.31 3.89 15.46
C ASN A 127 -17.87 3.58 16.03
N THR A 128 -16.92 3.25 15.15
CA THR A 128 -15.50 3.20 15.55
C THR A 128 -15.12 4.41 16.41
N PRO A 129 -14.45 4.17 17.54
CA PRO A 129 -13.96 5.29 18.38
C PRO A 129 -12.71 5.98 17.78
N ALA A 130 -12.03 5.30 16.84
CA ALA A 130 -10.86 5.85 16.16
C ALA A 130 -10.48 4.90 15.05
N MET A 131 -10.01 5.42 13.92
CA MET A 131 -9.57 4.56 12.82
C MET A 131 -8.32 5.13 12.11
N TYR A 132 -7.58 4.28 11.37
CA TYR A 132 -6.48 4.67 10.48
C TYR A 132 -6.50 3.73 9.26
N VAL A 133 -6.10 4.23 8.10
CA VAL A 133 -5.97 3.45 6.87
C VAL A 133 -4.52 3.50 6.40
N ALA A 134 -3.94 2.32 6.18
CA ALA A 134 -2.53 2.17 5.86
C ALA A 134 -2.40 1.42 4.57
N ILE A 135 -1.40 1.82 3.78
CA ILE A 135 -1.12 1.19 2.54
C ILE A 135 -0.54 -0.20 2.86
N GLN A 136 -1.18 -1.24 2.28
CA GLN A 136 -0.81 -2.64 2.56
C GLN A 136 0.69 -2.83 2.44
N ALA A 137 1.24 -2.39 1.32
CA ALA A 137 2.68 -2.53 1.10
C ALA A 137 3.58 -2.00 2.20
N VAL A 138 3.14 -0.89 2.82
CA VAL A 138 3.89 -0.15 3.86
C VAL A 138 4.01 -1.04 5.09
N LEU A 139 2.90 -1.68 5.42
CA LEU A 139 2.84 -2.61 6.50
C LEU A 139 3.74 -3.80 6.30
N SER A 140 3.78 -4.31 5.05
CA SER A 140 4.69 -5.40 4.69
C SER A 140 6.13 -4.91 4.91
N LEU A 141 6.41 -3.65 4.60
CA LEU A 141 7.77 -3.16 4.86
C LEU A 141 8.11 -3.14 6.36
N TYR A 142 7.10 -2.95 7.24
CA TYR A 142 7.47 -2.88 8.67
C TYR A 142 7.61 -4.25 9.18
N ALA A 143 6.74 -5.14 8.73
CA ALA A 143 6.90 -6.57 9.03
C ALA A 143 8.33 -7.08 8.81
N SER A 144 9.07 -6.50 7.86
CA SER A 144 10.46 -6.87 7.62
C SER A 144 11.41 -6.03 8.48
N GLY A 145 10.84 -5.15 9.31
CA GLY A 145 11.59 -4.21 10.13
C GLY A 145 12.48 -3.25 9.38
N ARG A 146 11.98 -2.64 8.32
CA ARG A 146 12.65 -1.50 7.72
C ARG A 146 11.64 -0.33 7.66
N THR A 147 12.08 0.83 7.17
CA THR A 147 11.14 1.96 7.01
C THR A 147 11.37 2.62 5.68
N THR A 148 12.63 2.62 5.23
CA THR A 148 12.97 2.88 3.83
C THR A 148 13.11 1.56 3.02
N GLY A 149 12.73 1.63 1.73
CA GLY A 149 12.90 0.56 0.73
C GLY A 149 11.74 0.47 -0.25
N ILE A 150 11.83 -0.45 -1.23
CA ILE A 150 10.72 -0.66 -2.21
C ILE A 150 10.07 -2.01 -2.08
N VAL A 151 8.75 -1.99 -1.95
CA VAL A 151 8.00 -3.20 -1.91
C VAL A 151 7.46 -3.56 -3.28
N MET A 152 7.77 -4.80 -3.63
CA MET A 152 7.15 -5.48 -4.75
C MET A 152 6.12 -6.44 -4.16
N ASP A 153 4.85 -6.08 -4.35
CA ASP A 153 3.74 -6.84 -3.82
C ASP A 153 3.00 -7.48 -4.97
N SER A 154 2.82 -8.80 -4.89
CA SER A 154 2.09 -9.54 -5.93
C SER A 154 1.14 -10.59 -5.34
N GLY A 155 -0.16 -10.42 -5.61
CA GLY A 155 -1.18 -11.34 -5.09
C GLY A 155 -1.76 -12.14 -6.24
N ASP A 156 -3.08 -12.20 -6.33
CA ASP A 156 -3.72 -12.96 -7.39
C ASP A 156 -4.10 -12.08 -8.60
N GLY A 157 -4.46 -10.82 -8.39
CA GLY A 157 -4.90 -9.99 -9.53
C GLY A 157 -3.97 -8.91 -10.10
N VAL A 158 -3.08 -8.37 -9.27
CA VAL A 158 -2.32 -7.16 -9.60
C VAL A 158 -1.02 -7.22 -8.87
N THR A 159 0.00 -6.66 -9.47
CA THR A 159 1.29 -6.53 -8.83
C THR A 159 1.56 -5.03 -8.71
N HIS A 160 2.17 -4.62 -7.60
CA HIS A 160 2.54 -3.18 -7.37
C HIS A 160 3.96 -3.06 -6.95
N THR A 161 4.61 -2.04 -7.47
CA THR A 161 5.90 -1.60 -6.90
C THR A 161 5.74 -0.25 -6.17
N VAL A 162 6.00 -0.28 -4.85
CA VAL A 162 5.73 0.88 -3.93
C VAL A 162 7.01 1.28 -3.24
N PRO A 163 7.75 2.29 -3.73
CA PRO A 163 8.91 2.72 -2.90
C PRO A 163 8.45 3.53 -1.64
N ILE A 164 9.18 3.42 -0.51
CA ILE A 164 8.76 3.95 0.79
C ILE A 164 9.90 4.67 1.50
N TYR A 165 9.64 5.91 1.96
CA TYR A 165 10.68 6.71 2.65
C TYR A 165 10.25 6.94 4.09
N GLU A 166 11.01 6.37 5.03
CA GLU A 166 10.73 6.54 6.45
C GLU A 166 9.27 6.22 6.77
N GLY A 167 8.72 5.30 5.98
CA GLY A 167 7.35 4.80 6.27
C GLY A 167 6.35 5.57 5.45
N TYR A 168 6.83 6.50 4.64
CA TYR A 168 5.92 7.20 3.73
C TYR A 168 6.02 6.67 2.28
N ALA A 169 4.92 6.03 1.83
CA ALA A 169 4.82 5.64 0.39
C ALA A 169 4.92 6.87 -0.44
N LEU A 170 5.45 6.70 -1.66
CA LEU A 170 5.78 7.79 -2.57
C LEU A 170 4.89 7.67 -3.82
N PRO A 171 3.67 8.20 -3.77
CA PRO A 171 2.73 7.76 -4.81
C PRO A 171 3.15 8.06 -6.24
N HIS A 172 3.98 9.07 -6.52
CA HIS A 172 4.32 9.37 -7.95
C HIS A 172 5.17 8.27 -8.56
N ALA A 173 5.69 7.38 -7.73
CA ALA A 173 6.69 6.44 -8.20
C ALA A 173 6.23 4.99 -8.03
N ILE A 174 4.94 4.84 -7.76
CA ILE A 174 4.27 3.57 -7.59
C ILE A 174 3.85 3.04 -8.98
N LEU A 175 4.17 1.79 -9.28
CA LEU A 175 3.73 1.26 -10.55
C LEU A 175 2.86 0.04 -10.36
N ARG A 176 1.86 -0.07 -11.23
CA ARG A 176 0.89 -1.15 -11.24
C ARG A 176 1.11 -2.04 -12.48
N LEU A 177 1.13 -3.34 -12.25
CA LEU A 177 1.29 -4.33 -13.28
C LEU A 177 0.08 -5.26 -13.22
N ASP A 178 -0.65 -5.36 -14.33
CA ASP A 178 -1.87 -6.19 -14.41
C ASP A 178 -1.56 -7.64 -14.75
N LEU A 179 -0.82 -8.26 -13.84
CA LEU A 179 -0.20 -9.52 -14.07
C LEU A 179 0.20 -10.07 -12.71
N ALA A 180 -0.59 -11.01 -12.21
CA ALA A 180 -0.31 -11.67 -10.95
C ALA A 180 -0.62 -13.17 -11.02
N GLY A 181 -0.72 -13.81 -9.85
CA GLY A 181 -0.96 -15.24 -9.70
C GLY A 181 -2.05 -15.90 -10.56
N ARG A 182 -3.14 -15.19 -10.83
CA ARG A 182 -4.14 -15.73 -11.74
C ARG A 182 -3.61 -15.94 -13.16
N ASP A 183 -3.02 -14.91 -13.73
CA ASP A 183 -2.47 -15.03 -15.07
C ASP A 183 -1.49 -16.23 -15.08
N LEU A 184 -0.80 -16.46 -13.97
CA LEU A 184 0.12 -17.57 -13.89
C LEU A 184 -0.63 -18.91 -13.91
N THR A 185 -1.68 -18.99 -13.11
CA THR A 185 -2.54 -20.14 -13.01
C THR A 185 -3.18 -20.50 -14.37
N ASP A 186 -3.76 -19.49 -15.02
CA ASP A 186 -4.28 -19.60 -16.36
C ASP A 186 -3.20 -20.02 -17.35
N TYR A 187 -1.96 -19.54 -17.19
CA TYR A 187 -0.93 -19.90 -18.13
C TYR A 187 -0.51 -21.36 -17.98
N LEU A 188 -0.27 -21.78 -16.75
CA LEU A 188 -0.01 -23.16 -16.41
C LEU A 188 -1.08 -24.14 -16.97
N MET A 189 -2.32 -23.83 -16.68
CA MET A 189 -3.49 -24.44 -17.29
C MET A 189 -3.24 -24.62 -18.77
N LYS A 190 -3.03 -23.52 -19.48
CA LYS A 190 -2.87 -23.57 -20.90
C LYS A 190 -1.74 -24.52 -21.33
N ILE A 191 -0.52 -24.36 -20.79
CA ILE A 191 0.61 -25.25 -21.16
C ILE A 191 0.48 -26.71 -20.66
N LEU A 192 -0.34 -26.96 -19.65
CA LEU A 192 -0.55 -28.37 -19.29
C LEU A 192 -1.52 -28.98 -20.26
N THR A 193 -2.53 -28.22 -20.70
CA THR A 193 -3.45 -28.69 -21.72
C THR A 193 -2.69 -29.01 -23.00
N GLU A 194 -1.81 -28.10 -23.43
CA GLU A 194 -1.04 -28.26 -24.67
C GLU A 194 -0.19 -29.53 -24.63
N ARG A 195 0.33 -29.86 -23.45
CA ARG A 195 1.20 -31.02 -23.28
C ARG A 195 0.48 -32.37 -23.42
N GLY A 196 -0.81 -32.41 -23.09
CA GLY A 196 -1.53 -33.67 -23.15
C GLY A 196 -2.68 -33.80 -22.18
N TYR A 197 -2.66 -33.04 -21.07
CA TYR A 197 -3.74 -33.18 -20.08
C TYR A 197 -4.85 -32.26 -20.45
N SER A 198 -5.88 -32.13 -19.61
CA SER A 198 -7.02 -31.32 -20.05
C SER A 198 -7.71 -30.46 -19.02
N PHE A 199 -6.95 -29.60 -18.37
CA PHE A 199 -7.51 -28.64 -17.42
C PHE A 199 -8.06 -27.41 -18.15
N THR A 200 -9.37 -27.23 -18.05
CA THR A 200 -10.10 -26.12 -18.66
C THR A 200 -11.21 -25.63 -17.76
N THR A 201 -11.73 -26.48 -16.87
CA THR A 201 -12.88 -26.03 -16.06
C THR A 201 -12.51 -25.40 -14.74
N THR A 202 -13.50 -24.73 -14.16
CA THR A 202 -13.39 -24.14 -12.84
C THR A 202 -12.86 -25.12 -11.77
N ALA A 203 -13.45 -26.32 -11.67
CA ALA A 203 -12.93 -27.36 -10.76
C ALA A 203 -11.42 -27.67 -10.99
N GLU A 204 -11.01 -27.58 -12.25
CA GLU A 204 -9.66 -27.96 -12.70
C GLU A 204 -8.65 -26.83 -12.53
N ARG A 205 -9.12 -25.59 -12.68
CA ARG A 205 -8.36 -24.40 -12.26
C ARG A 205 -7.79 -24.51 -10.83
N GLU A 206 -8.59 -25.05 -9.92
CA GLU A 206 -8.18 -25.15 -8.53
C GLU A 206 -7.10 -26.22 -8.34
N ILE A 207 -7.19 -27.27 -9.16
CA ILE A 207 -6.18 -28.31 -9.17
C ILE A 207 -4.86 -27.70 -9.64
N VAL A 208 -4.94 -26.98 -10.76
CA VAL A 208 -3.75 -26.34 -11.31
C VAL A 208 -3.16 -25.27 -10.37
N ARG A 209 -4.01 -24.45 -9.75
CA ARG A 209 -3.55 -23.42 -8.79
C ARG A 209 -2.67 -24.14 -7.81
N ASP A 210 -3.19 -25.24 -7.30
CA ASP A 210 -2.47 -26.04 -6.33
C ASP A 210 -1.14 -26.62 -6.87
N ILE A 211 -1.13 -27.13 -8.10
CA ILE A 211 0.15 -27.54 -8.73
C ILE A 211 1.17 -26.38 -8.78
N LYS A 212 0.72 -25.21 -9.24
CA LYS A 212 1.53 -23.96 -9.29
C LYS A 212 2.23 -23.72 -7.95
N GLU A 213 1.41 -23.64 -6.91
CA GLU A 213 1.86 -23.36 -5.54
C GLU A 213 2.78 -24.46 -5.08
N LYS A 214 2.50 -25.68 -5.50
CA LYS A 214 3.29 -26.80 -5.00
C LYS A 214 4.58 -27.14 -5.78
N LEU A 215 4.63 -26.89 -7.08
CA LEU A 215 5.77 -27.37 -7.84
C LEU A 215 6.48 -26.34 -8.71
N CYS A 216 5.93 -25.13 -8.86
CA CYS A 216 6.58 -24.13 -9.75
C CYS A 216 7.78 -23.44 -9.10
N TYR A 217 8.69 -22.94 -9.93
CA TYR A 217 9.85 -22.24 -9.41
C TYR A 217 10.39 -21.24 -10.43
N VAL A 218 11.08 -20.21 -9.97
CA VAL A 218 11.77 -19.32 -10.90
C VAL A 218 13.17 -19.83 -11.11
N ALA A 219 13.57 -19.89 -12.38
CA ALA A 219 14.88 -20.39 -12.85
C ALA A 219 15.94 -19.28 -12.83
N LEU A 220 17.14 -19.52 -12.29
CA LEU A 220 18.18 -18.46 -12.37
C LEU A 220 18.52 -17.94 -13.80
N ASP A 221 18.62 -18.84 -14.76
CA ASP A 221 18.91 -18.49 -16.17
C ASP A 221 17.86 -19.24 -17.00
N PHE A 222 17.09 -18.54 -17.83
CA PHE A 222 15.92 -19.16 -18.41
C PHE A 222 16.33 -20.10 -19.53
N GLU A 223 17.10 -19.59 -20.52
CA GLU A 223 17.77 -20.41 -21.54
C GLU A 223 18.42 -21.67 -20.95
N GLN A 224 19.19 -21.50 -19.89
CA GLN A 224 19.95 -22.64 -19.36
C GLN A 224 19.06 -23.74 -18.80
N GLU A 225 18.03 -23.37 -18.03
CA GLU A 225 17.09 -24.34 -17.46
C GLU A 225 16.31 -25.07 -18.53
N MET A 226 15.90 -24.35 -19.58
CA MET A 226 15.30 -24.96 -20.76
C MET A 226 16.24 -26.03 -21.29
N ALA A 227 17.52 -25.68 -21.56
CA ALA A 227 18.47 -26.71 -22.04
C ALA A 227 18.63 -27.92 -21.10
N THR A 228 18.56 -27.70 -19.79
CA THR A 228 18.65 -28.80 -18.78
C THR A 228 17.36 -29.64 -18.71
N ALA A 229 16.23 -28.99 -18.93
CA ALA A 229 15.00 -29.72 -19.00
C ALA A 229 14.93 -30.55 -20.32
N ALA A 230 15.53 -30.02 -21.40
CA ALA A 230 15.53 -30.67 -22.70
C ALA A 230 16.38 -31.95 -22.77
N SER A 231 17.34 -32.09 -21.84
CA SER A 231 18.38 -33.14 -21.91
C SER A 231 18.40 -34.06 -20.71
N SER A 232 17.38 -33.97 -19.88
CA SER A 232 17.37 -34.68 -18.60
C SER A 232 15.96 -34.66 -18.07
N SER A 233 15.61 -35.73 -17.40
CA SER A 233 14.43 -35.73 -16.60
C SER A 233 14.74 -35.21 -15.17
N SER A 234 15.97 -34.70 -14.94
CA SER A 234 16.41 -34.27 -13.60
C SER A 234 15.46 -33.24 -12.90
N LEU A 235 14.73 -32.46 -13.70
CA LEU A 235 13.78 -31.46 -13.17
C LEU A 235 12.31 -31.87 -13.13
N GLU A 236 11.96 -33.04 -13.65
CA GLU A 236 10.53 -33.42 -13.78
C GLU A 236 10.01 -33.88 -12.46
N LYS A 237 8.76 -33.55 -12.17
CA LYS A 237 8.15 -33.97 -10.92
C LYS A 237 6.82 -34.60 -11.24
N SER A 238 6.37 -35.51 -10.39
CA SER A 238 5.09 -36.19 -10.57
C SER A 238 4.07 -35.61 -9.59
N TYR A 239 2.77 -35.64 -9.95
CA TYR A 239 1.72 -35.01 -9.14
C TYR A 239 0.37 -35.78 -9.08
N GLU A 240 -0.18 -35.92 -7.87
CA GLU A 240 -1.27 -36.82 -7.53
C GLU A 240 -2.67 -36.15 -7.63
N LEU A 241 -3.41 -36.38 -8.72
CA LEU A 241 -4.73 -35.74 -8.95
C LEU A 241 -5.86 -36.15 -7.96
N PRO A 242 -6.93 -35.31 -7.83
CA PRO A 242 -8.09 -35.59 -6.96
C PRO A 242 -8.76 -36.95 -7.20
N ASP A 243 -8.89 -37.37 -8.47
CA ASP A 243 -9.11 -38.78 -8.77
C ASP A 243 -7.82 -39.56 -8.45
N GLY A 244 -7.30 -40.35 -9.38
CA GLY A 244 -6.08 -41.10 -9.08
C GLY A 244 -4.97 -41.00 -10.10
N GLN A 245 -5.25 -40.29 -11.21
CA GLN A 245 -4.25 -40.02 -12.25
C GLN A 245 -3.04 -39.37 -11.57
N VAL A 246 -1.85 -39.91 -11.82
CA VAL A 246 -0.61 -39.29 -11.37
C VAL A 246 0.01 -38.74 -12.63
N ILE A 247 0.50 -37.51 -12.58
CA ILE A 247 0.95 -36.88 -13.81
C ILE A 247 2.38 -36.33 -13.66
N THR A 248 2.96 -35.94 -14.79
CA THR A 248 4.36 -35.50 -14.85
C THR A 248 4.46 -34.04 -15.39
N ILE A 249 5.20 -33.23 -14.64
CA ILE A 249 5.45 -31.82 -14.96
C ILE A 249 6.95 -31.68 -15.15
N GLY A 250 7.35 -31.01 -16.23
CA GLY A 250 8.77 -30.77 -16.51
C GLY A 250 8.97 -29.28 -16.67
N ASN A 251 9.27 -28.89 -17.91
CA ASN A 251 9.30 -27.52 -18.46
C ASN A 251 8.41 -26.50 -17.74
N GLU A 252 7.19 -26.95 -17.53
CA GLU A 252 6.07 -26.20 -17.04
C GLU A 252 6.42 -25.63 -15.68
N ARG A 253 7.19 -26.37 -14.89
CA ARG A 253 7.50 -25.98 -13.52
C ARG A 253 8.02 -24.57 -13.41
N PHE A 254 8.91 -24.17 -14.33
CA PHE A 254 9.55 -22.88 -14.28
C PHE A 254 9.22 -22.03 -15.51
N ARG A 255 8.44 -22.57 -16.44
CA ARG A 255 8.07 -21.74 -17.60
C ARG A 255 6.93 -20.84 -17.18
N CYS A 256 6.15 -21.31 -16.22
CA CYS A 256 4.98 -20.55 -15.73
C CYS A 256 5.35 -19.25 -14.95
N PRO A 257 6.09 -19.34 -13.83
CA PRO A 257 6.51 -18.06 -13.23
C PRO A 257 7.40 -17.21 -14.15
N GLU A 258 8.12 -17.81 -15.12
CA GLU A 258 8.92 -17.01 -16.04
C GLU A 258 8.14 -15.87 -16.73
N ALA A 259 6.82 -15.99 -16.80
CA ALA A 259 6.03 -14.93 -17.39
C ALA A 259 6.02 -13.64 -16.54
N LEU A 260 6.43 -13.73 -15.28
CA LEU A 260 6.54 -12.58 -14.40
C LEU A 260 7.67 -11.70 -14.92
N PHE A 261 8.73 -12.33 -15.42
CA PHE A 261 9.85 -11.62 -16.01
C PHE A 261 9.74 -11.36 -17.51
N GLN A 262 9.15 -12.30 -18.26
CA GLN A 262 8.93 -12.06 -19.70
C GLN A 262 7.45 -12.07 -20.03
N PRO A 263 6.71 -10.97 -19.79
CA PRO A 263 5.22 -10.94 -19.99
C PRO A 263 4.76 -11.16 -21.46
N SER A 264 5.70 -11.23 -22.40
CA SER A 264 5.30 -11.65 -23.75
C SER A 264 4.90 -13.14 -23.79
N PHE A 265 5.23 -13.92 -22.76
CA PHE A 265 4.75 -15.30 -22.71
C PHE A 265 3.24 -15.28 -22.68
N LEU A 266 2.63 -14.15 -22.30
CA LEU A 266 1.18 -14.06 -22.15
C LEU A 266 0.56 -13.15 -23.14
N GLY A 267 1.30 -12.82 -24.20
CA GLY A 267 0.79 -11.84 -25.17
C GLY A 267 0.72 -10.43 -24.61
N MET A 268 1.38 -10.17 -23.48
CA MET A 268 1.41 -8.80 -22.93
C MET A 268 2.62 -8.03 -23.38
N GLU A 269 2.41 -6.74 -23.64
CA GLU A 269 3.51 -5.86 -24.03
C GLU A 269 4.30 -5.24 -22.87
N SER A 270 3.86 -5.47 -21.63
CA SER A 270 4.49 -4.86 -20.43
C SER A 270 5.92 -5.31 -20.25
N CYS A 271 6.68 -4.56 -19.47
CA CYS A 271 7.91 -5.11 -18.90
C CYS A 271 7.58 -6.03 -17.73
N GLY A 272 8.58 -6.77 -17.30
CA GLY A 272 8.37 -7.76 -16.26
C GLY A 272 8.59 -7.17 -14.91
N ILE A 273 8.57 -8.01 -13.89
CA ILE A 273 8.58 -7.49 -12.55
C ILE A 273 9.91 -6.84 -12.16
N HIS A 274 11.00 -7.30 -12.77
CA HIS A 274 12.34 -6.79 -12.46
C HIS A 274 12.48 -5.37 -12.98
N GLU A 275 12.01 -5.17 -14.20
CA GLU A 275 12.14 -3.91 -14.85
C GLU A 275 11.08 -2.93 -14.32
N THR A 276 9.90 -3.44 -13.91
CA THR A 276 8.91 -2.61 -13.32
C THR A 276 9.46 -2.07 -11.97
N THR A 277 10.20 -2.91 -11.23
CA THR A 277 10.87 -2.51 -10.02
C THR A 277 11.96 -1.42 -10.21
N PHE A 278 12.88 -1.64 -11.12
CA PHE A 278 13.83 -0.65 -11.50
C PHE A 278 13.11 0.63 -11.99
N ASN A 279 12.05 0.54 -12.78
CA ASN A 279 11.44 1.79 -13.23
C ASN A 279 10.88 2.69 -12.11
N SER A 280 10.39 2.07 -11.03
CA SER A 280 9.98 2.75 -9.81
C SER A 280 11.12 3.43 -9.13
N ILE A 281 12.25 2.74 -9.00
CA ILE A 281 13.40 3.31 -8.33
C ILE A 281 13.90 4.54 -9.07
N MET A 282 13.96 4.41 -10.38
CA MET A 282 14.41 5.49 -11.22
C MET A 282 13.54 6.76 -11.15
N LYS A 283 12.31 6.60 -10.67
CA LYS A 283 11.38 7.70 -10.53
C LYS A 283 11.51 8.42 -9.16
N CYS A 284 12.15 7.78 -8.20
CA CYS A 284 12.51 8.35 -6.90
C CYS A 284 13.75 9.27 -6.89
N ASP A 285 13.85 9.97 -5.75
CA ASP A 285 14.85 10.97 -5.39
C ASP A 285 16.23 10.37 -5.48
N VAL A 286 17.11 11.00 -6.27
CA VAL A 286 18.47 10.45 -6.43
C VAL A 286 19.14 10.04 -5.12
N ASP A 287 18.76 10.69 -4.01
CA ASP A 287 19.47 10.49 -2.73
C ASP A 287 19.11 9.27 -1.95
N ILE A 288 17.95 8.70 -2.28
CA ILE A 288 17.49 7.45 -1.68
C ILE A 288 17.46 6.23 -2.65
N ARG A 289 17.89 6.38 -3.91
CA ARG A 289 17.97 5.24 -4.83
C ARG A 289 18.87 4.20 -4.17
N LYS A 290 19.99 4.66 -3.63
CA LYS A 290 20.90 3.78 -2.93
C LYS A 290 20.19 2.86 -1.93
N ASP A 291 19.41 3.44 -1.01
CA ASP A 291 18.71 2.63 -0.01
C ASP A 291 17.55 1.77 -0.52
N LEU A 292 16.98 2.14 -1.67
CA LEU A 292 15.89 1.30 -2.26
C LEU A 292 16.49 0.02 -2.88
N TYR A 293 17.48 0.18 -3.76
CA TYR A 293 18.30 -0.91 -4.27
C TYR A 293 18.66 -1.97 -3.24
N ALA A 294 19.07 -1.53 -2.05
CA ALA A 294 19.56 -2.48 -1.03
C ALA A 294 18.46 -2.88 -0.07
N ASN A 295 17.25 -2.33 -0.32
CA ASN A 295 16.08 -2.72 0.47
C ASN A 295 14.86 -3.06 -0.38
N THR A 296 15.06 -3.88 -1.42
CA THR A 296 13.92 -4.32 -2.21
C THR A 296 13.31 -5.57 -1.58
N VAL A 297 12.05 -5.45 -1.10
CA VAL A 297 11.34 -6.48 -0.32
C VAL A 297 10.13 -6.99 -1.09
N LEU A 298 9.97 -8.31 -1.10
CA LEU A 298 8.91 -8.96 -1.86
C LEU A 298 7.76 -9.29 -0.93
N SER A 299 6.52 -9.20 -1.39
CA SER A 299 5.43 -9.70 -0.56
C SER A 299 4.30 -10.22 -1.41
N GLY A 300 3.43 -11.05 -0.81
CA GLY A 300 2.21 -11.54 -1.47
C GLY A 300 2.40 -12.99 -1.96
N GLY A 301 1.32 -13.72 -2.23
CA GLY A 301 1.45 -15.13 -2.67
C GLY A 301 2.44 -15.44 -3.81
N THR A 302 2.39 -14.63 -4.84
CA THR A 302 3.11 -14.83 -6.05
C THR A 302 4.61 -14.56 -5.91
N THR A 303 5.07 -14.29 -4.68
CA THR A 303 6.47 -14.06 -4.46
C THR A 303 7.04 -15.25 -3.72
N MET A 304 6.20 -16.28 -3.46
CA MET A 304 6.67 -17.49 -2.76
C MET A 304 7.49 -18.47 -3.62
N TYR A 305 7.47 -18.32 -4.94
CA TYR A 305 8.34 -19.13 -5.85
C TYR A 305 9.80 -19.29 -5.42
N PRO A 306 10.28 -20.54 -5.20
CA PRO A 306 11.72 -20.68 -4.96
C PRO A 306 12.49 -20.06 -6.12
N GLY A 307 13.66 -19.49 -5.82
CA GLY A 307 14.53 -18.77 -6.80
C GLY A 307 14.09 -17.39 -7.26
N ILE A 308 12.93 -16.92 -6.86
CA ILE A 308 12.51 -15.56 -7.32
C ILE A 308 13.48 -14.44 -6.81
N ALA A 309 13.93 -14.58 -5.55
CA ALA A 309 14.89 -13.67 -4.90
C ALA A 309 16.19 -13.56 -5.67
N ASP A 310 16.92 -14.67 -5.78
CA ASP A 310 18.12 -14.73 -6.64
C ASP A 310 17.88 -14.20 -8.03
N ARG A 311 16.72 -14.46 -8.61
CA ARG A 311 16.56 -14.02 -9.98
C ARG A 311 16.36 -12.51 -10.05
N MET A 312 15.63 -11.99 -9.06
CA MET A 312 15.38 -10.51 -8.96
C MET A 312 16.70 -9.83 -8.74
N GLN A 313 17.46 -10.42 -7.85
CA GLN A 313 18.80 -10.02 -7.52
C GLN A 313 19.57 -9.83 -8.82
N LYS A 314 19.66 -10.91 -9.61
CA LYS A 314 20.39 -10.94 -10.88
C LYS A 314 19.86 -9.91 -11.90
N GLU A 315 18.55 -9.92 -12.14
CA GLU A 315 18.00 -8.99 -13.12
C GLU A 315 18.13 -7.52 -12.73
N ILE A 316 18.12 -7.17 -11.44
CA ILE A 316 18.26 -5.76 -11.02
C ILE A 316 19.73 -5.35 -11.22
N THR A 317 20.63 -6.22 -10.80
CA THR A 317 22.08 -6.02 -11.03
C THR A 317 22.39 -5.56 -12.47
N ALA A 318 21.75 -6.16 -13.48
CA ALA A 318 22.04 -5.80 -14.84
C ALA A 318 21.49 -4.42 -15.24
N LEU A 319 20.30 -4.08 -14.73
CA LEU A 319 19.62 -2.84 -15.09
C LEU A 319 20.23 -1.64 -14.36
N ALA A 320 20.71 -1.89 -13.14
CA ALA A 320 21.17 -0.83 -12.26
C ALA A 320 22.57 -0.38 -12.63
N PRO A 321 22.90 0.93 -12.40
CA PRO A 321 24.28 1.38 -12.31
C PRO A 321 25.17 0.29 -11.72
N SER A 322 26.34 0.16 -12.32
CA SER A 322 27.05 -1.08 -12.19
C SER A 322 27.68 -1.30 -10.80
N THR A 323 28.16 -0.25 -10.15
CA THR A 323 28.74 -0.45 -8.81
C THR A 323 27.78 -0.14 -7.65
N MET A 324 26.48 -0.10 -7.93
CA MET A 324 25.44 -0.08 -6.91
C MET A 324 25.38 -1.44 -6.21
N LYS A 325 24.85 -1.50 -5.00
CA LYS A 325 24.72 -2.80 -4.36
C LYS A 325 23.25 -3.19 -4.09
N ILE A 326 22.85 -4.36 -4.61
CA ILE A 326 21.45 -4.79 -4.67
C ILE A 326 21.19 -5.80 -3.56
N LYS A 327 19.99 -5.82 -2.99
CA LYS A 327 19.62 -6.81 -2.02
C LYS A 327 18.12 -7.00 -2.09
N ILE A 328 17.73 -8.25 -2.28
CA ILE A 328 16.36 -8.62 -2.31
C ILE A 328 16.15 -9.22 -0.94
N ILE A 329 15.01 -8.93 -0.32
CA ILE A 329 14.72 -9.48 1.00
C ILE A 329 13.41 -10.21 0.74
N ALA A 330 13.35 -11.46 1.19
CA ALA A 330 12.18 -12.27 0.95
C ALA A 330 11.86 -13.02 2.22
N PRO A 331 11.10 -12.35 3.11
CA PRO A 331 10.77 -12.88 4.39
C PRO A 331 10.16 -14.28 4.27
N PRO A 332 10.74 -15.26 4.98
CA PRO A 332 10.15 -16.58 5.02
C PRO A 332 8.61 -16.59 5.29
N GLU A 333 8.09 -15.50 5.87
CA GLU A 333 6.68 -15.37 6.24
C GLU A 333 5.96 -14.34 5.34
N ARG A 334 6.57 -14.01 4.21
CA ARG A 334 6.14 -12.92 3.35
C ARG A 334 4.75 -13.08 2.75
N LYS A 335 4.15 -14.25 2.97
CA LYS A 335 2.74 -14.45 2.64
C LYS A 335 1.84 -13.58 3.54
N TYR A 336 2.18 -13.52 4.83
CA TYR A 336 1.31 -12.84 5.79
C TYR A 336 1.78 -11.45 6.25
N SER A 337 2.71 -10.88 5.50
CA SER A 337 3.33 -9.61 5.84
C SER A 337 2.36 -8.49 6.26
N VAL A 338 1.33 -8.30 5.46
CA VAL A 338 0.50 -7.13 5.59
C VAL A 338 -0.21 -7.12 6.91
N TRP A 339 -0.80 -8.22 7.31
CA TRP A 339 -1.47 -8.18 8.60
C TRP A 339 -0.46 -8.06 9.71
N ILE A 340 0.74 -8.66 9.57
CA ILE A 340 1.79 -8.59 10.64
C ILE A 340 2.23 -7.15 10.91
N GLY A 341 2.63 -6.46 9.83
CA GLY A 341 3.05 -5.08 9.87
C GLY A 341 2.00 -4.22 10.53
N GLY A 342 0.74 -4.46 10.16
CA GLY A 342 -0.40 -3.87 10.82
C GLY A 342 -0.38 -4.05 12.33
N SER A 343 0.03 -5.23 12.75
CA SER A 343 -0.06 -5.61 14.14
C SER A 343 1.07 -4.91 14.84
N ILE A 344 2.21 -4.79 14.16
CA ILE A 344 3.32 -4.05 14.65
C ILE A 344 2.94 -2.55 14.90
N LEU A 345 2.47 -1.86 13.84
CA LEU A 345 2.04 -0.48 13.94
C LEU A 345 0.91 -0.19 14.93
N ALA A 346 -0.18 -0.95 14.86
CA ALA A 346 -1.36 -0.60 15.61
C ALA A 346 -1.23 -0.97 17.08
N SER A 347 -0.14 -1.65 17.45
CA SER A 347 0.03 -2.03 18.85
C SER A 347 0.93 -1.02 19.63
N LEU A 348 1.53 -0.04 18.92
CA LEU A 348 2.35 0.96 19.57
C LEU A 348 1.47 2.00 20.22
N SER A 349 1.87 2.44 21.42
CA SER A 349 1.34 3.69 22.08
C SER A 349 1.16 4.90 21.11
N THR A 350 2.25 5.27 20.44
CA THR A 350 2.29 6.06 19.17
C THR A 350 1.07 6.08 18.23
N PHE A 351 0.44 4.93 18.08
CA PHE A 351 -0.62 4.79 17.16
C PHE A 351 -1.73 5.80 17.48
N GLN A 352 -1.88 6.09 18.79
CA GLN A 352 -2.92 7.02 19.32
C GLN A 352 -2.83 8.40 18.65
N GLN A 353 -1.59 8.73 18.34
CA GLN A 353 -1.16 9.95 17.73
C GLN A 353 -1.29 9.99 16.20
N MET A 354 -1.65 8.88 15.55
CA MET A 354 -1.78 8.88 14.10
C MET A 354 -3.24 8.82 13.74
N TRP A 355 -4.00 8.06 14.52
CA TRP A 355 -5.35 7.72 14.09
C TRP A 355 -6.28 8.89 13.97
N ILE A 356 -7.37 8.68 13.27
CA ILE A 356 -8.45 9.66 13.20
C ILE A 356 -9.44 9.44 14.33
N SER A 357 -9.59 10.46 15.17
CA SER A 357 -10.55 10.43 16.25
C SER A 357 -11.99 10.56 15.78
N LYS A 358 -12.89 9.86 16.46
CA LYS A 358 -14.33 10.05 16.28
C LYS A 358 -14.77 11.53 16.32
N GLN A 359 -14.16 12.33 17.20
CA GLN A 359 -14.55 13.76 17.26
C GLN A 359 -13.98 14.51 16.04
N GLU A 360 -12.75 14.14 15.64
CA GLU A 360 -12.08 14.71 14.48
C GLU A 360 -13.03 14.50 13.29
N TYR A 361 -13.63 13.31 13.24
CA TYR A 361 -14.62 13.04 12.22
C TYR A 361 -15.81 13.99 12.35
N ASP A 362 -16.44 14.01 13.53
CA ASP A 362 -17.58 14.91 13.78
C ASP A 362 -17.28 16.35 13.34
N GLU A 363 -16.07 16.81 13.61
CA GLU A 363 -15.57 18.09 13.13
C GLU A 363 -15.33 18.16 11.63
N SER A 364 -14.42 17.33 11.08
CA SER A 364 -13.97 17.53 9.69
C SER A 364 -14.68 16.66 8.67
N GLY A 365 -15.34 15.60 9.12
CA GLY A 365 -16.00 14.67 8.20
C GLY A 365 -15.03 13.82 7.37
N PRO A 366 -15.55 12.96 6.49
CA PRO A 366 -14.78 11.95 5.71
C PRO A 366 -13.50 12.44 5.03
N SER A 367 -13.48 13.65 4.49
CA SER A 367 -12.27 14.07 3.83
C SER A 367 -11.05 14.16 4.78
N ILE A 368 -11.24 13.91 6.08
CA ILE A 368 -10.05 13.96 7.00
C ILE A 368 -9.01 12.90 6.63
N VAL A 369 -9.48 11.84 5.97
CA VAL A 369 -8.60 10.81 5.55
C VAL A 369 -7.49 11.35 4.61
N HIS A 370 -7.78 12.31 3.74
CA HIS A 370 -6.68 12.80 2.88
C HIS A 370 -5.62 13.59 3.61
N ARG A 371 -5.97 14.19 4.76
CA ARG A 371 -4.99 14.90 5.56
C ARG A 371 -4.10 13.99 6.44
N LYS A 372 -4.73 13.02 7.08
CA LYS A 372 -4.12 12.24 8.16
C LYS A 372 -3.44 10.94 7.69
N CYS A 373 -4.07 10.16 6.80
CA CYS A 373 -3.48 8.83 6.45
C CYS A 373 -2.71 8.82 5.18
N PHE A 374 -1.40 8.79 5.27
CA PHE A 374 -0.53 8.77 4.10
C PHE A 374 0.84 8.30 4.57
C ACE B 1 1.12 38.95 18.82
O ACE B 1 1.33 38.15 19.74
CH3 ACE B 1 -0.32 39.22 18.37
N ALA B 2 2.15 39.43 18.12
CA ALA B 2 2.16 40.72 17.42
C ALA B 2 1.98 40.44 15.94
N GLY B 3 0.79 40.69 15.42
CA GLY B 3 0.57 40.60 13.99
C GLY B 3 0.65 39.15 13.56
N TRP B 4 1.51 38.87 12.57
CA TRP B 4 1.72 37.51 12.04
C TRP B 4 2.41 36.60 13.03
N ASN B 5 3.19 37.16 13.94
CA ASN B 5 3.87 36.36 14.95
C ASN B 5 2.86 35.60 15.76
N ALA B 6 1.60 36.07 15.79
CA ALA B 6 0.54 35.43 16.56
C ALA B 6 0.32 34.05 15.99
N TYR B 7 0.44 33.94 14.67
CA TYR B 7 0.22 32.64 14.01
C TYR B 7 1.29 31.59 14.30
N ILE B 8 2.55 31.97 14.12
CA ILE B 8 3.69 31.18 14.58
C ILE B 8 3.55 30.70 16.02
N ASP B 9 3.35 31.65 16.94
CA ASP B 9 3.33 31.34 18.33
C ASP B 9 2.26 30.29 18.51
N ASN B 10 1.16 30.46 17.77
CA ASN B 10 0.03 29.57 17.87
C ASN B 10 0.39 28.16 17.40
N LEU B 11 0.95 28.06 16.20
CA LEU B 11 1.44 26.77 15.65
C LEU B 11 2.39 26.05 16.58
N MET B 12 3.13 26.83 17.37
CA MET B 12 4.20 26.25 18.15
C MET B 12 3.80 25.85 19.54
N ALA B 13 2.63 26.33 20.01
CA ALA B 13 2.26 26.22 21.44
C ALA B 13 2.19 24.77 21.94
N ASP B 14 1.79 23.83 21.10
CA ASP B 14 1.51 22.48 21.66
C ASP B 14 2.71 21.59 21.77
N GLY B 15 3.89 22.07 21.36
CA GLY B 15 5.12 21.32 21.60
C GLY B 15 5.48 20.23 20.58
N THR B 16 4.53 19.93 19.71
CA THR B 16 4.72 18.94 18.66
C THR B 16 5.57 19.44 17.48
N CYS B 17 5.74 20.75 17.32
CA CYS B 17 6.52 21.23 16.19
C CYS B 17 7.79 21.98 16.55
N GLN B 18 8.75 21.99 15.65
CA GLN B 18 10.01 22.68 15.90
C GLN B 18 10.28 23.80 14.91
N ASP B 19 9.37 24.09 14.00
CA ASP B 19 9.61 25.22 13.10
C ASP B 19 8.28 25.53 12.41
N ALA B 20 8.07 26.78 11.98
CA ALA B 20 6.76 27.22 11.39
C ALA B 20 7.01 28.51 10.70
N ALA B 21 6.18 28.88 9.73
CA ALA B 21 6.44 30.08 8.94
C ALA B 21 5.26 30.41 8.04
N ILE B 22 5.02 31.72 7.89
CA ILE B 22 4.10 32.25 6.87
C ILE B 22 4.98 32.96 5.82
N VAL B 23 4.88 32.55 4.56
CA VAL B 23 5.70 33.15 3.52
C VAL B 23 4.84 33.66 2.38
N GLY B 24 5.05 34.92 2.03
CA GLY B 24 4.23 35.58 0.97
C GLY B 24 4.80 35.06 -0.31
N TYR B 25 3.99 34.39 -1.13
CA TYR B 25 4.59 33.82 -2.36
C TYR B 25 4.36 34.71 -3.60
N LYS B 26 3.35 35.56 -3.61
CA LYS B 26 3.20 36.38 -4.82
C LYS B 26 4.33 37.42 -5.03
N ASP B 27 4.37 38.05 -6.22
CA ASP B 27 5.24 39.22 -6.50
C ASP B 27 6.70 39.05 -6.03
N SER B 28 7.03 39.75 -4.93
CA SER B 28 8.33 39.66 -4.29
C SER B 28 8.15 38.79 -3.08
N PRO B 29 8.60 37.53 -3.14
CA PRO B 29 8.43 36.61 -1.99
C PRO B 29 9.36 36.93 -0.83
N SER B 30 8.78 36.96 0.36
CA SER B 30 9.48 37.31 1.58
C SER B 30 8.85 36.55 2.72
N VAL B 31 9.62 36.27 3.76
CA VAL B 31 9.07 35.66 4.98
C VAL B 31 8.28 36.69 5.81
N TRP B 32 7.04 36.38 6.14
CA TRP B 32 6.25 37.33 6.88
C TRP B 32 6.50 37.16 8.37
N ALA B 33 6.72 35.91 8.80
CA ALA B 33 6.95 35.51 10.19
C ALA B 33 7.46 34.07 10.17
N ALA B 34 8.27 33.72 11.18
CA ALA B 34 8.98 32.42 11.25
C ALA B 34 9.67 32.30 12.60
N VAL B 35 9.92 31.09 13.07
CA VAL B 35 10.63 30.91 14.33
C VAL B 35 12.09 31.39 14.20
N PRO B 36 12.58 32.26 15.12
CA PRO B 36 13.97 32.74 15.00
C PRO B 36 15.08 31.68 15.25
N GLY B 37 16.09 31.68 14.39
CA GLY B 37 17.26 30.81 14.52
C GLY B 37 17.04 29.38 14.04
N LYS B 38 15.97 29.17 13.25
CA LYS B 38 15.59 27.84 12.77
C LYS B 38 15.81 27.75 11.25
N THR B 39 14.96 27.00 10.54
CA THR B 39 15.26 26.72 9.13
C THR B 39 14.47 27.64 8.21
N PHE B 40 13.13 27.62 8.37
CA PHE B 40 12.23 28.29 7.41
C PHE B 40 12.46 29.79 7.35
N VAL B 41 12.96 30.35 8.46
CA VAL B 41 13.35 31.77 8.49
C VAL B 41 14.30 32.14 7.33
N ASN B 42 15.11 31.18 6.85
CA ASN B 42 16.07 31.40 5.75
C ASN B 42 15.60 31.11 4.32
N ILE B 43 14.32 30.84 4.17
CA ILE B 43 13.82 30.36 2.90
C ILE B 43 14.15 31.42 1.85
N THR B 44 14.60 31.02 0.67
CA THR B 44 14.89 31.99 -0.35
C THR B 44 13.71 32.14 -1.27
N PRO B 45 13.67 33.24 -2.04
CA PRO B 45 12.63 33.38 -3.07
C PRO B 45 12.78 32.39 -4.23
N ALA B 46 14.00 31.90 -4.46
CA ALA B 46 14.25 30.90 -5.48
C ALA B 46 13.52 29.60 -5.08
N GLU B 47 13.84 29.10 -3.87
CA GLU B 47 13.15 27.98 -3.22
C GLU B 47 11.60 28.09 -3.33
N VAL B 48 11.11 29.27 -3.00
CA VAL B 48 9.67 29.57 -3.07
C VAL B 48 9.14 29.41 -4.51
N GLY B 49 9.99 29.73 -5.48
CA GLY B 49 9.58 29.66 -6.88
C GLY B 49 9.46 28.22 -7.33
N ILE B 50 10.31 27.38 -6.76
CA ILE B 50 10.29 25.96 -7.06
C ILE B 50 9.07 25.29 -6.40
N LEU B 51 8.70 25.79 -5.25
CA LEU B 51 7.58 25.19 -4.57
C LEU B 51 6.33 25.45 -5.35
N VAL B 52 6.28 26.59 -6.03
CA VAL B 52 5.04 27.01 -6.68
C VAL B 52 5.12 27.07 -8.19
N GLY B 53 6.30 26.88 -8.76
CA GLY B 53 6.51 26.90 -10.22
C GLY B 53 5.72 25.82 -10.96
N LYS B 54 5.60 25.96 -12.29
CA LYS B 54 4.81 25.03 -13.09
C LYS B 54 5.43 23.62 -13.21
N ASP B 55 6.73 23.47 -12.99
CA ASP B 55 7.30 22.14 -12.96
C ASP B 55 6.89 21.43 -11.69
N ARG B 56 5.84 20.62 -11.77
CA ARG B 56 5.48 19.71 -10.68
C ARG B 56 6.17 18.35 -10.70
N SER B 57 7.32 18.21 -11.37
CA SER B 57 7.94 16.86 -11.37
C SER B 57 9.43 16.70 -11.26
N SER B 58 10.19 17.75 -11.55
CA SER B 58 11.65 17.59 -11.37
C SER B 58 12.10 17.43 -9.92
N PHE B 59 11.36 18.05 -9.00
CA PHE B 59 11.75 18.00 -7.59
C PHE B 59 11.57 16.63 -6.94
N PHE B 60 10.93 15.69 -7.68
CA PHE B 60 10.86 14.29 -7.30
C PHE B 60 12.20 13.62 -7.36
N VAL B 61 12.91 13.86 -8.45
CA VAL B 61 14.20 13.20 -8.66
C VAL B 61 15.34 14.02 -8.09
N ASN B 62 15.20 15.34 -8.19
CA ASN B 62 16.24 16.27 -7.69
C ASN B 62 16.18 16.59 -6.23
N GLY B 63 15.01 16.42 -5.61
CA GLY B 63 14.77 16.98 -4.26
C GLY B 63 14.62 18.49 -4.28
N LEU B 64 14.46 19.08 -3.10
CA LEU B 64 14.36 20.55 -3.00
C LEU B 64 14.86 20.97 -1.63
N THR B 65 15.26 22.23 -1.51
CA THR B 65 15.72 22.74 -0.23
C THR B 65 14.73 23.76 0.27
N LEU B 66 14.64 23.82 1.61
CA LEU B 66 13.98 24.90 2.35
C LEU B 66 15.02 25.52 3.28
N GLY B 67 15.43 26.73 2.96
CA GLY B 67 16.42 27.38 3.77
C GLY B 67 17.74 26.66 3.67
N GLY B 68 18.09 26.17 2.46
CA GLY B 68 19.18 25.21 2.31
C GLY B 68 19.06 23.86 3.02
N GLN B 69 17.98 23.54 3.71
CA GLN B 69 17.81 22.15 4.21
C GLN B 69 17.28 21.30 3.06
N LYS B 70 18.05 20.27 2.68
CA LYS B 70 17.66 19.27 1.65
C LYS B 70 16.38 18.49 2.04
N CYS B 71 15.36 18.53 1.19
CA CYS B 71 14.10 17.80 1.50
C CYS B 71 13.69 16.83 0.37
N SER B 72 12.79 15.91 0.68
CA SER B 72 12.31 14.93 -0.29
C SER B 72 10.79 15.07 -0.35
N VAL B 73 10.24 15.28 -1.53
CA VAL B 73 8.79 15.45 -1.64
C VAL B 73 8.10 14.08 -1.58
N ILE B 74 7.00 13.99 -0.78
CA ILE B 74 6.20 12.76 -0.56
C ILE B 74 4.87 12.83 -1.29
N ARG B 75 4.12 13.91 -1.12
CA ARG B 75 2.92 14.11 -1.90
C ARG B 75 2.84 15.56 -2.32
N ASP B 76 2.56 15.81 -3.59
CA ASP B 76 2.37 17.16 -4.02
C ASP B 76 0.93 17.33 -4.48
N SER B 77 0.22 18.19 -3.76
CA SER B 77 -1.09 18.65 -4.17
C SER B 77 -1.23 20.12 -3.78
N LEU B 78 -0.10 20.80 -3.67
CA LEU B 78 0.01 22.25 -3.36
C LEU B 78 -0.92 23.06 -4.26
N LEU B 79 -0.94 22.70 -5.54
CA LEU B 79 -1.76 23.54 -6.48
C LEU B 79 -3.16 23.02 -6.69
N GLN B 80 -3.57 21.99 -5.94
CA GLN B 80 -4.85 21.33 -6.25
C GLN B 80 -5.91 21.86 -5.34
N ASP B 81 -7.01 22.30 -5.93
CA ASP B 81 -8.10 22.82 -5.14
C ASP B 81 -8.63 21.86 -4.05
N GLY B 82 -9.01 22.37 -2.86
CA GLY B 82 -9.55 21.50 -1.84
C GLY B 82 -8.52 20.55 -1.16
N GLU B 83 -7.26 20.59 -1.57
CA GLU B 83 -6.16 19.79 -1.01
C GLU B 83 -5.14 20.77 -0.50
N PHE B 84 -4.53 21.53 -1.40
CA PHE B 84 -3.67 22.67 -1.05
C PHE B 84 -2.34 22.32 -0.39
N THR B 85 -2.02 21.03 -0.14
CA THR B 85 -0.80 20.65 0.59
C THR B 85 0.28 19.96 -0.23
N MET B 86 1.52 20.24 0.14
CA MET B 86 2.68 19.43 -0.19
C MET B 86 3.25 18.84 1.10
N ASP B 87 3.50 17.52 1.10
CA ASP B 87 4.12 16.83 2.24
C ASP B 87 5.54 16.40 1.85
N LEU B 88 6.50 16.72 2.73
CA LEU B 88 7.93 16.39 2.52
C LEU B 88 8.48 15.74 3.79
N ARG B 89 9.70 15.23 3.67
CA ARG B 89 10.52 14.82 4.82
C ARG B 89 11.97 15.26 4.57
N THR B 90 12.63 15.78 5.60
CA THR B 90 14.05 16.17 5.45
C THR B 90 14.94 14.96 5.08
N LYS B 91 16.12 15.22 4.53
CA LYS B 91 17.10 14.19 4.37
C LYS B 91 18.34 14.54 5.20
N SER B 92 18.83 13.59 6.01
CA SER B 92 20.01 13.82 6.81
C SER B 92 21.07 12.78 6.54
N THR B 93 22.24 12.99 7.13
CA THR B 93 23.36 12.06 7.01
C THR B 93 23.45 11.12 8.18
N GLY B 94 23.41 9.84 7.88
CA GLY B 94 23.80 8.76 8.80
C GLY B 94 23.11 8.64 10.15
N GLY B 95 21.84 8.25 10.16
CA GLY B 95 21.17 7.98 11.43
C GLY B 95 20.67 9.22 12.15
N ALA B 96 21.27 10.40 11.86
CA ALA B 96 20.73 11.72 12.28
C ALA B 96 19.26 11.81 11.87
N PRO B 97 18.36 12.07 12.83
CA PRO B 97 16.91 12.21 12.66
C PRO B 97 16.45 12.98 11.43
N THR B 98 15.26 12.65 10.93
CA THR B 98 14.61 13.44 9.88
C THR B 98 13.17 13.74 10.27
N PHE B 99 12.57 14.71 9.57
CA PHE B 99 11.34 15.32 10.08
C PHE B 99 10.36 15.57 8.95
N ASN B 100 9.11 15.39 9.27
CA ASN B 100 8.07 15.67 8.35
C ASN B 100 7.69 17.11 8.34
N ILE B 101 7.32 17.61 7.15
CA ILE B 101 7.04 19.00 6.87
C ILE B 101 5.76 19.05 6.03
N THR B 102 4.87 20.01 6.29
CA THR B 102 3.77 20.27 5.35
C THR B 102 3.83 21.74 4.98
N VAL B 103 3.62 22.03 3.70
CA VAL B 103 3.47 23.37 3.18
C VAL B 103 2.05 23.40 2.65
N THR B 104 1.23 24.32 3.16
CA THR B 104 -0.05 24.62 2.54
C THR B 104 -0.22 26.01 1.87
N MET B 105 -0.74 26.03 0.65
CA MET B 105 -0.92 27.28 -0.12
C MET B 105 -2.23 28.02 0.19
N THR B 106 -2.15 29.31 0.51
CA THR B 106 -3.39 30.12 0.59
C THR B 106 -3.36 31.11 -0.61
N ALA B 107 -4.19 32.16 -0.61
CA ALA B 107 -4.28 33.08 -1.76
C ALA B 107 -2.95 33.81 -1.93
N LYS B 108 -2.30 34.13 -0.81
CA LYS B 108 -1.13 34.98 -0.84
C LYS B 108 0.02 34.30 -0.18
N THR B 109 -0.25 33.24 0.59
CA THR B 109 0.80 32.68 1.45
C THR B 109 1.05 31.21 1.34
N LEU B 110 2.23 30.84 1.80
CA LEU B 110 2.55 29.48 2.13
C LEU B 110 2.66 29.38 3.65
N VAL B 111 1.96 28.40 4.22
CA VAL B 111 2.13 28.07 5.60
C VAL B 111 3.00 26.81 5.65
N LEU B 112 4.16 26.94 6.28
CA LEU B 112 5.09 25.83 6.49
C LEU B 112 5.12 25.38 7.96
N LEU B 113 5.33 24.10 8.20
CA LEU B 113 5.34 23.53 9.56
C LEU B 113 6.24 22.28 9.56
N MET B 114 7.12 22.15 10.57
CA MET B 114 8.06 21.02 10.67
C MET B 114 7.92 20.35 12.00
N GLY B 115 7.55 19.07 12.01
CA GLY B 115 7.33 18.33 13.24
C GLY B 115 8.66 18.06 13.94
N LYS B 116 8.56 17.82 15.24
CA LYS B 116 9.67 17.28 16.00
C LYS B 116 9.90 15.80 15.65
N GLU B 117 11.05 15.23 16.03
CA GLU B 117 11.33 13.82 15.80
C GLU B 117 10.19 12.93 16.27
N GLY B 118 9.78 12.02 15.39
CA GLY B 118 8.70 11.05 15.64
C GLY B 118 7.30 11.58 15.39
N VAL B 119 7.18 12.85 15.07
CA VAL B 119 5.82 13.36 14.92
C VAL B 119 5.27 12.91 13.57
N HIS B 120 4.02 12.45 13.53
CA HIS B 120 3.50 11.83 12.33
C HIS B 120 3.07 12.81 11.25
N GLY B 121 3.33 12.46 10.01
CA GLY B 121 3.11 13.44 8.92
C GLY B 121 1.67 13.91 8.77
N GLY B 122 0.73 13.04 9.16
CA GLY B 122 -0.71 13.33 9.09
C GLY B 122 -1.14 14.35 10.14
N MET B 123 -0.49 14.37 11.28
CA MET B 123 -0.78 15.40 12.23
C MET B 123 -0.21 16.79 11.79
N ILE B 124 1.04 16.84 11.35
CA ILE B 124 1.58 18.03 10.80
C ILE B 124 0.71 18.45 9.60
N ASN B 125 0.29 17.50 8.76
CA ASN B 125 -0.53 17.88 7.62
C ASN B 125 -1.78 18.58 8.10
N LYS B 126 -2.54 17.93 8.99
CA LYS B 126 -3.84 18.49 9.47
C LYS B 126 -3.68 19.84 10.22
N LYS B 127 -2.69 19.96 11.11
CA LYS B 127 -2.34 21.25 11.72
C LYS B 127 -2.03 22.37 10.72
N CYS B 128 -1.24 22.06 9.74
CA CYS B 128 -0.78 23.11 8.86
C CYS B 128 -1.97 23.55 8.01
N TYR B 129 -2.81 22.60 7.69
CA TYR B 129 -3.86 22.81 6.74
C TYR B 129 -4.97 23.58 7.45
N GLU B 130 -5.19 23.31 8.73
CA GLU B 130 -6.25 24.00 9.47
C GLU B 130 -5.88 25.50 9.65
N MET B 131 -4.63 25.77 9.97
CA MET B 131 -4.10 27.13 10.04
C MET B 131 -4.29 27.85 8.67
N ALA B 132 -3.80 27.24 7.59
CA ALA B 132 -3.99 27.83 6.24
C ALA B 132 -5.46 28.21 6.02
N SER B 133 -6.41 27.31 6.30
CA SER B 133 -7.84 27.59 6.14
C SER B 133 -8.28 28.91 6.75
N HIS B 134 -7.96 29.07 8.03
CA HIS B 134 -8.22 30.30 8.74
C HIS B 134 -7.74 31.49 7.93
N LEU B 135 -6.52 31.43 7.44
CA LEU B 135 -5.99 32.50 6.65
C LEU B 135 -6.79 32.74 5.38
N ARG B 136 -7.28 31.64 4.79
CA ARG B 136 -7.91 31.66 3.48
C ARG B 136 -9.28 32.20 3.69
N ARG B 137 -9.84 31.93 4.85
CA ARG B 137 -11.18 32.45 5.14
C ARG B 137 -11.16 33.97 5.22
N SER B 138 -10.01 34.51 5.62
CA SER B 138 -9.79 35.96 5.77
C SER B 138 -9.14 36.59 4.57
N GLN B 139 -9.41 36.05 3.39
CA GLN B 139 -8.82 36.57 2.16
C GLN B 139 -7.28 36.49 2.01
N TYR B 140 -6.60 35.78 2.93
CA TYR B 140 -5.11 35.65 2.83
C TYR B 140 -4.58 34.41 2.06
PG ATP C . -5.67 -9.74 -4.56
O1G ATP C . -6.02 -9.76 -6.04
O2G ATP C . -4.17 -9.74 -4.23
O3G ATP C . -6.42 -8.67 -3.81
PB ATP C . -5.77 -11.97 -2.62
O1B ATP C . -5.38 -11.01 -1.53
O2B ATP C . -6.66 -13.20 -2.46
O3B ATP C . -6.25 -11.15 -3.96
PA ATP C . -3.41 -13.41 -2.07
O1A ATP C . -2.02 -12.76 -2.10
O2A ATP C . -4.18 -13.53 -0.76
O3A ATP C . -4.35 -12.57 -3.10
O5' ATP C . -3.34 -14.93 -2.67
C5' ATP C . -3.93 -15.40 -3.89
C4' ATP C . -2.87 -15.62 -5.00
O4' ATP C . -1.54 -15.93 -4.54
C3' ATP C . -3.24 -16.79 -5.88
O3' ATP C . -2.86 -16.45 -7.22
C2' ATP C . -2.37 -17.90 -5.33
O2' ATP C . -2.19 -19.05 -6.17
C1' ATP C . -1.09 -17.14 -5.11
N9 ATP C . -0.26 -17.95 -4.21
C8 ATP C . -0.49 -18.25 -2.91
N7 ATP C . 0.50 -19.03 -2.37
C5 ATP C . 1.39 -19.24 -3.35
C6 ATP C . 2.65 -19.99 -3.50
N6 ATP C . 3.18 -20.66 -2.42
N1 ATP C . 3.25 -19.94 -4.71
C2 ATP C . 2.73 -19.29 -5.78
N3 ATP C . 1.58 -18.60 -5.74
C4 ATP C . 0.88 -18.55 -4.57
CA CA D . -7.21 -12.38 -0.35
CA CA E . -11.22 -30.00 -18.99
C1 GOL F . -12.39 32.53 11.04
O1 GOL F . -12.90 31.41 10.30
C2 GOL F . -12.21 32.09 12.49
O2 GOL F . -12.70 33.07 13.43
C3 GOL F . -12.91 30.77 12.73
O3 GOL F . -11.84 29.82 12.69
CL CL G . -6.18 24.81 3.89
#